data_6PQ8
#
_entry.id   6PQ8
#
_cell.length_a   99.410
_cell.length_b   99.410
_cell.length_c   99.470
_cell.angle_alpha   90.000
_cell.angle_beta   90.000
_cell.angle_gamma   90.000
#
_symmetry.space_group_name_H-M   'P 41 21 2'
#
loop_
_entity.id
_entity.type
_entity.pdbx_description
1 polymer Beta-lactamase
2 non-polymer 'ASPARTIC ACID'
3 non-polymer '(2R,3Z,5R)-3-(2-HYDROXYETHYLIDENE)-7-OXO-4-OXA-1-AZABICYCLO[3.2.0]HEPTANE-2-CARBOXYLIC ACID'
4 non-polymer 'ACETATE ION'
5 non-polymer GLYCEROL
6 non-polymer 'SULFATE ION'
7 non-polymer 'CHLORIDE ION'
8 water water
#
_entity_poly.entity_id   1
_entity_poly.type   'polypeptide(L)'
_entity_poly.pdbx_seq_one_letter_code
;MKKHLVVIAFCVLFASASAFAAKGTDSLKSSIEKYLKDKKAKVGVAVLGIEDNFKLNVNEKHHYPMQGTYKFHLALAVLD
KLDKENISIDKKLFVKKSELLPNTWSPLRDKYPDGNVDLSISEILKATVSRSDNNGCDILFRFVGGTNKVHNFISKLGVK
NISIKATEEEMHKAWNVQYTNWTTPDATVQLLKKFYKNEILSKNSYDYLLNTMIETTTGPKRLKGLLPDGTVVAHKTGSS
DTNDKGITAATNDIGIITLPNGKHFAIAVYVSDSSEKSDVNEKIIAEICKSVWDYLVKD
;
_entity_poly.pdbx_strand_id   A
#
loop_
_chem_comp.id
_chem_comp.type
_chem_comp.name
_chem_comp.formula
ACT non-polymer 'ACETATE ION' 'C2 H3 O2 -1'
CL non-polymer 'CHLORIDE ION' 'Cl -1'
GOL non-polymer GLYCEROL 'C3 H8 O3'
J01 non-polymer '(2R,3Z,5R)-3-(2-HYDROXYETHYLIDENE)-7-OXO-4-OXA-1-AZABICYCLO[3.2.0]HEPTANE-2-CARBOXYLIC ACID' 'C8 H9 N O5'
SO4 non-polymer 'SULFATE ION' 'O4 S -2'
#
# COMPACT_ATOMS: atom_id res chain seq x y z
N LYS A 23 -24.15 4.09 18.59
CA LYS A 23 -24.84 2.89 18.13
C LYS A 23 -23.93 2.07 17.21
N GLY A 24 -22.99 1.37 17.83
CA GLY A 24 -22.07 0.53 17.08
C GLY A 24 -21.02 1.32 16.34
N THR A 25 -21.21 1.48 15.02
CA THR A 25 -20.17 2.05 14.18
C THR A 25 -19.82 3.48 14.59
N ASP A 26 -20.83 4.29 14.92
CA ASP A 26 -20.56 5.68 15.29
C ASP A 26 -19.92 5.79 16.67
N SER A 27 -20.11 4.81 17.55
CA SER A 27 -19.38 4.83 18.81
C SER A 27 -17.91 4.47 18.58
N LEU A 28 -17.64 3.50 17.72
CA LEU A 28 -16.27 3.18 17.35
C LEU A 28 -15.61 4.36 16.65
N LYS A 29 -16.35 5.03 15.75
CA LYS A 29 -15.83 6.21 15.06
C LYS A 29 -15.54 7.33 16.05
N SER A 30 -16.46 7.58 16.98
CA SER A 30 -16.21 8.60 17.99
C SER A 30 -15.02 8.21 18.86
N SER A 31 -14.85 6.93 19.13
CA SER A 31 -13.71 6.48 19.91
C SER A 31 -12.39 6.75 19.19
N ILE A 32 -12.37 6.56 17.86
CA ILE A 32 -11.15 6.78 17.10
C ILE A 32 -10.83 8.27 17.04
N GLU A 33 -11.84 9.11 16.79
CA GLU A 33 -11.64 10.55 16.74
C GLU A 33 -11.14 11.12 18.07
N LYS A 34 -11.63 10.59 19.19
CA LYS A 34 -11.14 11.04 20.48
C LYS A 34 -9.68 10.66 20.67
N TYR A 35 -9.29 9.48 20.19
CA TYR A 35 -7.88 9.08 20.21
C TYR A 35 -7.04 10.02 19.35
N LEU A 36 -7.59 10.49 18.23
CA LEU A 36 -6.83 11.31 17.28
C LEU A 36 -6.70 12.76 17.70
N LYS A 37 -7.49 13.21 18.69
CA LYS A 37 -7.58 14.63 19.00
C LYS A 37 -6.21 15.21 19.41
N ASP A 38 -5.47 14.51 20.26
CA ASP A 38 -4.19 15.01 20.75
C ASP A 38 -2.99 14.58 19.89
N LYS A 39 -3.23 14.11 18.66
CA LYS A 39 -2.16 13.61 17.79
C LYS A 39 -1.87 14.69 16.75
N LYS A 40 -0.60 15.12 16.67
CA LYS A 40 -0.21 16.18 15.75
C LYS A 40 0.06 15.60 14.36
N ALA A 41 -1.03 15.19 13.71
CA ALA A 41 -1.00 14.58 12.39
C ALA A 41 -2.40 14.63 11.81
N LYS A 42 -2.48 14.51 10.49
CA LYS A 42 -3.76 14.35 9.80
C LYS A 42 -3.87 12.88 9.45
N VAL A 43 -4.78 12.18 10.11
CA VAL A 43 -4.89 10.72 9.99
C VAL A 43 -6.18 10.36 9.26
N GLY A 44 -6.05 9.61 8.16
CA GLY A 44 -7.20 9.10 7.41
C GLY A 44 -7.37 7.60 7.60
N VAL A 45 -8.62 7.18 7.79
CA VAL A 45 -8.96 5.81 8.12
C VAL A 45 -10.12 5.37 7.24
N ALA A 46 -10.05 4.16 6.70
CA ALA A 46 -11.20 3.56 6.06
C ALA A 46 -11.19 2.06 6.31
N VAL A 47 -12.38 1.50 6.54
CA VAL A 47 -12.58 0.07 6.76
C VAL A 47 -13.73 -0.38 5.86
N LEU A 48 -13.56 -1.54 5.24
CA LEU A 48 -14.63 -2.15 4.44
C LEU A 48 -14.70 -3.64 4.74
N GLY A 49 -15.85 -4.11 5.21
CA GLY A 49 -16.06 -5.54 5.35
C GLY A 49 -15.97 -6.25 4.01
N ILE A 50 -15.43 -7.44 4.00
CA ILE A 50 -15.32 -8.17 2.77
C ILE A 50 -16.57 -8.93 2.44
N GLU A 51 -17.03 -9.76 3.33
CA GLU A 51 -18.20 -10.54 3.06
C GLU A 51 -19.48 -10.05 3.71
N ASP A 52 -19.36 -9.23 4.72
CA ASP A 52 -20.49 -8.67 5.42
C ASP A 52 -20.27 -7.22 5.38
N ASN A 53 -21.04 -6.53 4.57
CA ASN A 53 -20.86 -5.11 4.43
C ASN A 53 -20.83 -4.27 5.72
N PHE A 54 -19.67 -3.73 5.98
CA PHE A 54 -19.38 -2.90 7.10
C PHE A 54 -18.55 -1.77 6.56
N LYS A 55 -18.81 -0.58 7.04
CA LYS A 55 -18.12 0.57 6.53
C LYS A 55 -17.72 1.58 7.59
N LEU A 56 -16.64 2.10 7.61
CA LEU A 56 -16.24 3.14 8.54
C LEU A 56 -15.23 4.06 7.86
N ASN A 57 -15.43 5.37 8.04
CA ASN A 57 -14.55 6.41 7.53
C ASN A 57 -14.22 7.38 8.65
N VAL A 58 -12.99 7.87 8.66
CA VAL A 58 -12.57 8.99 9.49
C VAL A 58 -11.71 9.91 8.61
N ASN A 59 -12.05 11.19 8.58
CA ASN A 59 -11.31 12.18 7.80
C ASN A 59 -11.15 11.72 6.35
N GLU A 60 -12.27 11.30 5.77
CA GLU A 60 -12.28 10.74 4.42
C GLU A 60 -12.05 11.80 3.35
N LYS A 61 -12.50 13.04 3.59
CA LYS A 61 -12.45 14.09 2.57
C LYS A 61 -11.10 14.79 2.65
N HIS A 62 -10.08 14.12 2.14
CA HIS A 62 -8.71 14.60 2.27
C HIS A 62 -7.84 13.73 1.37
N HIS A 63 -6.77 14.32 0.86
CA HIS A 63 -5.85 13.64 -0.05
C HIS A 63 -4.58 13.26 0.70
N TYR A 64 -4.32 11.95 0.84
CA TYR A 64 -3.17 11.53 1.63
C TYR A 64 -2.06 11.05 0.72
N PRO A 65 -0.83 11.40 1.01
CA PRO A 65 0.29 10.93 0.21
C PRO A 65 0.41 9.42 0.43
N MET A 66 0.56 8.71 -0.64
CA MET A 66 0.59 7.29 -0.63
C MET A 66 1.91 6.63 -0.32
N GLN A 67 2.98 7.19 -0.82
CA GLN A 67 4.31 6.63 -0.75
C GLN A 67 4.32 5.19 -1.27
N GLY A 68 4.95 4.29 -0.54
CA GLY A 68 5.04 2.91 -0.92
C GLY A 68 3.78 2.07 -1.05
N THR A 69 2.66 2.54 -0.53
CA THR A 69 1.39 1.85 -0.66
C THR A 69 0.98 1.73 -2.09
N TYR A 70 1.30 2.69 -2.95
CA TYR A 70 0.97 2.57 -4.39
C TYR A 70 1.78 1.43 -5.31
N LYS A 71 2.68 0.80 -4.58
CA LYS A 71 3.23 -0.37 -5.25
C LYS A 71 2.21 -1.50 -5.34
N PHE A 72 1.21 -1.51 -4.47
CA PHE A 72 0.07 -2.43 -4.63
C PHE A 72 -0.70 -2.13 -5.90
N HIS A 73 -1.02 -0.85 -6.14
CA HIS A 73 -1.73 -0.46 -7.35
C HIS A 73 -0.91 -0.84 -8.58
N LEU A 74 0.40 -0.61 -8.55
CA LEU A 74 1.24 -0.97 -9.68
C LEU A 74 1.23 -2.47 -9.92
N ALA A 75 1.25 -3.26 -8.84
CA ALA A 75 1.26 -4.71 -9.01
C ALA A 75 -0.03 -5.21 -9.65
N LEU A 76 -1.18 -4.62 -9.28
CA LEU A 76 -2.42 -4.91 -9.97
C LEU A 76 -2.29 -4.66 -11.47
N ALA A 77 -1.73 -3.52 -11.83
CA ALA A 77 -1.62 -3.16 -13.24
C ALA A 77 -0.67 -4.11 -13.98
N VAL A 78 0.43 -4.53 -13.34
CA VAL A 78 1.33 -5.44 -14.05
CA VAL A 78 1.34 -5.46 -13.99
C VAL A 78 0.67 -6.81 -14.21
N LEU A 79 0.02 -7.33 -13.16
CA LEU A 79 -0.59 -8.65 -13.26
C LEU A 79 -1.76 -8.65 -14.22
N ASP A 80 -2.50 -7.55 -14.26
CA ASP A 80 -3.60 -7.44 -15.22
C ASP A 80 -3.08 -7.52 -16.65
N LYS A 81 -1.99 -6.80 -16.93
CA LYS A 81 -1.36 -6.85 -18.24
C LYS A 81 -0.88 -8.26 -18.59
N LEU A 82 -0.30 -8.98 -17.61
CA LEU A 82 0.07 -10.37 -17.85
C LEU A 82 -1.15 -11.21 -18.18
N ASP A 83 -2.24 -11.04 -17.40
CA ASP A 83 -3.46 -11.78 -17.66
C ASP A 83 -4.01 -11.49 -19.04
N LYS A 84 -4.06 -10.21 -19.43
CA LYS A 84 -4.71 -9.84 -20.68
C LYS A 84 -3.88 -10.26 -21.89
N GLU A 85 -2.57 -10.11 -21.82
CA GLU A 85 -1.72 -10.41 -22.95
C GLU A 85 -1.16 -11.83 -22.92
N ASN A 86 -1.60 -12.65 -21.97
CA ASN A 86 -1.12 -14.02 -21.80
C ASN A 86 0.41 -14.07 -21.83
N ILE A 87 1.01 -13.30 -20.93
CA ILE A 87 2.44 -13.30 -20.68
C ILE A 87 2.69 -14.02 -19.37
N SER A 88 3.72 -14.87 -19.32
CA SER A 88 4.03 -15.63 -18.12
C SER A 88 4.71 -14.74 -17.08
N ILE A 89 4.38 -14.98 -15.80
CA ILE A 89 5.05 -14.27 -14.73
C ILE A 89 6.53 -14.61 -14.66
N ASP A 90 6.96 -15.67 -15.35
CA ASP A 90 8.35 -16.07 -15.38
C ASP A 90 9.11 -15.49 -16.55
N LYS A 91 8.43 -14.86 -17.51
CA LYS A 91 9.11 -14.12 -18.55
C LYS A 91 10.14 -13.18 -17.94
N LYS A 92 11.34 -13.15 -18.53
CA LYS A 92 12.44 -12.35 -18.00
C LYS A 92 12.60 -11.04 -18.75
N LEU A 93 12.89 -9.98 -18.00
CA LEU A 93 13.16 -8.66 -18.57
C LEU A 93 14.61 -8.26 -18.27
N PHE A 94 15.29 -7.77 -19.28
CA PHE A 94 16.66 -7.28 -19.12
C PHE A 94 16.63 -5.92 -18.41
N VAL A 95 17.34 -5.81 -17.29
CA VAL A 95 17.40 -4.60 -16.48
C VAL A 95 18.78 -3.99 -16.63
N LYS A 96 18.85 -2.80 -17.22
CA LYS A 96 20.12 -2.14 -17.41
C LYS A 96 20.68 -1.66 -16.07
N LYS A 97 22.02 -1.55 -16.00
CA LYS A 97 22.65 -1.06 -14.78
C LYS A 97 22.18 0.34 -14.43
N SER A 98 21.98 1.19 -15.44
CA SER A 98 21.53 2.57 -15.21
C SER A 98 20.18 2.65 -14.52
N GLU A 99 19.42 1.55 -14.47
CA GLU A 99 18.10 1.53 -13.85
C GLU A 99 18.14 1.10 -12.39
N LEU A 100 19.24 0.49 -11.97
CA LEU A 100 19.42 0.11 -10.56
C LEU A 100 20.07 1.30 -9.83
N LEU A 101 19.24 2.32 -9.61
CA LEU A 101 19.69 3.58 -9.04
C LEU A 101 20.35 3.35 -7.66
N PRO A 102 21.34 4.17 -7.31
CA PRO A 102 21.91 4.14 -5.97
C PRO A 102 21.14 5.07 -5.03
N ASN A 103 21.48 4.99 -3.75
CA ASN A 103 20.89 5.87 -2.72
C ASN A 103 19.36 5.81 -2.74
N THR A 104 18.85 4.58 -2.81
CA THR A 104 17.42 4.37 -2.71
C THR A 104 17.22 2.94 -2.25
N TRP A 105 16.16 2.72 -1.50
CA TRP A 105 15.92 1.38 -1.00
C TRP A 105 15.72 0.43 -2.18
N SER A 106 16.60 -0.56 -2.31
CA SER A 106 16.53 -1.47 -3.43
C SER A 106 17.31 -2.75 -3.19
N PRO A 107 16.70 -3.78 -2.60
CA PRO A 107 17.36 -5.09 -2.52
C PRO A 107 17.74 -5.67 -3.87
N LEU A 108 17.08 -5.24 -4.95
CA LEU A 108 17.47 -5.67 -6.29
C LEU A 108 18.88 -5.22 -6.63
N ARG A 109 19.16 -3.93 -6.42
CA ARG A 109 20.49 -3.40 -6.75
C ARG A 109 21.55 -3.98 -5.84
N ASP A 110 21.22 -4.26 -4.58
CA ASP A 110 22.14 -4.93 -3.69
C ASP A 110 22.49 -6.32 -4.19
N LYS A 111 21.49 -7.05 -4.71
CA LYS A 111 21.71 -8.42 -5.17
C LYS A 111 22.43 -8.45 -6.52
N TYR A 112 22.12 -7.49 -7.41
CA TYR A 112 22.70 -7.40 -8.76
C TYR A 112 23.34 -6.03 -8.92
N PRO A 113 24.44 -5.77 -8.21
CA PRO A 113 25.06 -4.44 -8.24
C PRO A 113 25.51 -3.98 -9.61
N ASP A 114 25.88 -4.91 -10.48
CA ASP A 114 26.34 -4.56 -11.82
C ASP A 114 25.20 -4.49 -12.84
N GLY A 115 23.98 -4.82 -12.46
CA GLY A 115 22.90 -4.66 -13.41
C GLY A 115 23.12 -5.56 -14.62
N ASN A 116 22.56 -5.12 -15.75
CA ASN A 116 22.65 -5.84 -17.01
C ASN A 116 22.32 -7.33 -16.82
N VAL A 117 21.16 -7.58 -16.24
CA VAL A 117 20.74 -8.92 -15.86
C VAL A 117 19.31 -9.17 -16.32
N ASP A 118 19.02 -10.41 -16.67
CA ASP A 118 17.67 -10.83 -17.01
C ASP A 118 16.95 -11.33 -15.76
N LEU A 119 15.93 -10.58 -15.32
CA LEU A 119 15.18 -10.92 -14.13
C LEU A 119 13.74 -11.23 -14.51
N SER A 120 13.19 -12.28 -13.93
CA SER A 120 11.80 -12.60 -14.20
C SER A 120 10.89 -11.54 -13.58
N ILE A 121 9.72 -11.36 -14.20
CA ILE A 121 8.75 -10.42 -13.66
C ILE A 121 8.35 -10.80 -12.24
N SER A 122 8.17 -12.11 -12.01
CA SER A 122 7.92 -12.66 -10.68
C SER A 122 8.91 -12.13 -9.64
N GLU A 123 10.22 -12.18 -9.95
CA GLU A 123 11.22 -11.78 -8.97
C GLU A 123 11.21 -10.26 -8.76
N ILE A 124 10.99 -9.48 -9.82
CA ILE A 124 10.91 -8.03 -9.67
C ILE A 124 9.67 -7.65 -8.86
N LEU A 125 8.54 -8.32 -9.11
CA LEU A 125 7.31 -8.07 -8.38
C LEU A 125 7.46 -8.41 -6.90
N LYS A 126 8.12 -9.53 -6.60
CA LYS A 126 8.32 -9.93 -5.21
C LYS A 126 9.12 -8.87 -4.45
N ALA A 127 10.23 -8.43 -5.03
CA ALA A 127 11.02 -7.36 -4.43
C ALA A 127 10.20 -6.08 -4.22
N THR A 128 9.34 -5.75 -5.19
CA THR A 128 8.61 -4.50 -5.16
C THR A 128 7.48 -4.52 -4.13
N VAL A 129 6.67 -5.59 -4.11
CA VAL A 129 5.54 -5.66 -3.20
C VAL A 129 5.99 -6.06 -1.80
N SER A 130 6.75 -7.16 -1.67
CA SER A 130 7.08 -7.66 -0.33
C SER A 130 8.18 -6.86 0.35
N ARG A 131 9.11 -6.27 -0.40
CA ARG A 131 10.24 -5.55 0.20
C ARG A 131 10.29 -4.09 -0.21
N SER A 132 9.31 -3.63 -1.00
CA SER A 132 9.14 -2.22 -1.29
C SER A 132 10.30 -1.65 -2.11
N ASP A 133 10.90 -2.51 -2.94
CA ASP A 133 12.02 -2.09 -3.80
C ASP A 133 11.64 -0.89 -4.66
N ASN A 134 12.46 0.17 -4.61
CA ASN A 134 12.14 1.35 -5.39
C ASN A 134 12.54 1.22 -6.86
N ASN A 135 13.69 0.57 -7.13
CA ASN A 135 14.06 0.33 -8.52
C ASN A 135 13.15 -0.72 -9.14
N GLY A 136 12.76 -1.74 -8.37
CA GLY A 136 11.74 -2.66 -8.83
C GLY A 136 10.45 -1.96 -9.22
N CYS A 137 10.05 -0.98 -8.42
CA CYS A 137 8.84 -0.20 -8.71
C CYS A 137 8.95 0.51 -10.06
N ASP A 138 10.07 1.22 -10.30
CA ASP A 138 10.21 1.98 -11.52
C ASP A 138 10.41 1.09 -12.74
N ILE A 139 11.11 -0.03 -12.58
CA ILE A 139 11.21 -1.03 -13.63
C ILE A 139 9.81 -1.45 -14.08
N LEU A 140 8.92 -1.74 -13.12
CA LEU A 140 7.57 -2.19 -13.46
C LEU A 140 6.72 -1.06 -14.03
N PHE A 141 6.94 0.18 -13.60
CA PHE A 141 6.24 1.30 -14.24
C PHE A 141 6.60 1.38 -15.70
N ARG A 142 7.89 1.21 -16.04
CA ARG A 142 8.30 1.17 -17.43
C ARG A 142 7.58 0.06 -18.17
N PHE A 143 7.40 -1.09 -17.51
CA PHE A 143 6.84 -2.26 -18.17
C PHE A 143 5.37 -2.05 -18.53
N VAL A 144 4.61 -1.38 -17.66
CA VAL A 144 3.20 -1.14 -17.95
C VAL A 144 2.98 0.16 -18.70
N GLY A 145 4.02 0.88 -19.08
CA GLY A 145 3.86 2.10 -19.85
C GLY A 145 3.77 3.41 -19.07
N GLY A 146 4.14 3.44 -17.80
CA GLY A 146 4.30 4.68 -17.06
C GLY A 146 3.16 4.91 -16.07
N THR A 147 3.30 6.00 -15.31
CA THR A 147 2.40 6.25 -14.19
C THR A 147 0.97 6.50 -14.66
N ASN A 148 0.82 7.21 -15.78
CA ASN A 148 -0.52 7.52 -16.26
C ASN A 148 -1.27 6.26 -16.66
N LYS A 149 -0.56 5.25 -17.22
CA LYS A 149 -1.20 3.98 -17.56
C LYS A 149 -1.77 3.29 -16.32
N VAL A 150 -1.03 3.32 -15.20
CA VAL A 150 -1.57 2.75 -13.96
C VAL A 150 -2.76 3.55 -13.48
N HIS A 151 -2.70 4.88 -13.59
CA HIS A 151 -3.84 5.71 -13.21
C HIS A 151 -5.08 5.34 -14.02
N ASN A 152 -4.93 5.19 -15.34
CA ASN A 152 -6.06 4.82 -16.19
C ASN A 152 -6.60 3.45 -15.79
N PHE A 153 -5.71 2.47 -15.59
CA PHE A 153 -6.15 1.14 -15.20
C PHE A 153 -7.01 1.18 -13.94
N ILE A 154 -6.58 1.95 -12.94
CA ILE A 154 -7.29 2.02 -11.67
C ILE A 154 -8.63 2.71 -11.86
N SER A 155 -8.63 3.83 -12.58
CA SER A 155 -9.85 4.58 -12.85
C SER A 155 -10.88 3.71 -13.57
N LYS A 156 -10.45 2.97 -14.59
CA LYS A 156 -11.36 2.12 -15.34
C LYS A 156 -11.89 0.95 -14.51
N LEU A 157 -11.27 0.63 -13.37
CA LEU A 157 -11.90 -0.32 -12.47
C LEU A 157 -13.09 0.29 -11.71
N GLY A 158 -13.34 1.58 -11.90
CA GLY A 158 -14.41 2.23 -11.17
C GLY A 158 -14.03 2.79 -9.83
N VAL A 159 -12.74 2.99 -9.55
CA VAL A 159 -12.29 3.57 -8.28
C VAL A 159 -11.76 4.97 -8.55
N LYS A 160 -12.42 5.95 -7.95
CA LYS A 160 -12.07 7.35 -8.12
C LYS A 160 -11.15 7.81 -7.01
N ASN A 161 -10.52 8.97 -7.22
CA ASN A 161 -9.81 9.68 -6.16
C ASN A 161 -8.50 9.00 -5.79
N ILE A 162 -7.81 8.45 -6.79
CA ILE A 162 -6.42 8.02 -6.64
C ILE A 162 -5.63 8.73 -7.72
N SER A 163 -4.61 9.48 -7.31
CA SER A 163 -3.73 10.18 -8.23
C SER A 163 -2.38 9.48 -8.23
N ILE A 164 -1.91 9.06 -9.40
CA ILE A 164 -0.65 8.36 -9.57
C ILE A 164 0.13 9.13 -10.64
N LYS A 165 1.06 9.98 -10.20
CA LYS A 165 1.78 10.90 -11.08
C LYS A 165 3.29 10.71 -11.11
N ALA A 166 3.91 10.08 -10.12
CA ALA A 166 5.36 10.10 -10.00
C ALA A 166 5.95 8.73 -9.71
N THR A 167 7.07 8.45 -10.37
CA THR A 167 7.88 7.28 -10.09
C THR A 167 8.66 7.48 -8.79
N GLU A 168 9.29 6.40 -8.32
CA GLU A 168 10.13 6.52 -7.14
C GLU A 168 11.30 7.46 -7.39
N GLU A 169 11.94 7.35 -8.56
CA GLU A 169 13.04 8.25 -8.89
C GLU A 169 12.60 9.71 -8.85
N GLU A 170 11.37 10.00 -9.32
CA GLU A 170 10.87 11.37 -9.30
C GLU A 170 10.58 11.83 -7.88
N MET A 171 9.93 11.00 -7.06
CA MET A 171 9.66 11.37 -5.67
C MET A 171 10.94 11.62 -4.87
N HIS A 172 12.06 11.01 -5.26
CA HIS A 172 13.32 11.19 -4.55
C HIS A 172 14.02 12.49 -4.91
N LYS A 173 13.39 13.35 -5.70
CA LYS A 173 13.97 14.66 -5.97
C LYS A 173 13.36 15.67 -5.00
N ALA A 174 12.49 16.57 -5.47
CA ALA A 174 11.94 17.57 -4.57
C ALA A 174 11.04 16.94 -3.51
N TRP A 175 11.02 17.58 -2.34
CA TRP A 175 10.20 17.14 -1.22
C TRP A 175 8.72 17.09 -1.58
N ASN A 176 8.25 18.00 -2.43
N ASN A 176 8.27 18.00 -2.47
CA ASN A 176 6.81 18.13 -2.66
CA ASN A 176 6.85 18.16 -2.74
C ASN A 176 6.26 17.09 -3.64
C ASN A 176 6.27 17.01 -3.56
N VAL A 177 7.11 16.34 -4.35
CA VAL A 177 6.61 15.41 -5.37
C VAL A 177 5.78 14.27 -4.76
N GLN A 178 6.11 13.83 -3.54
CA GLN A 178 5.37 12.72 -2.94
C GLN A 178 3.89 13.03 -2.79
N TYR A 179 3.52 14.31 -2.67
CA TYR A 179 2.11 14.65 -2.51
C TYR A 179 1.31 14.56 -3.81
N THR A 180 1.95 14.34 -4.96
CA THR A 180 1.19 14.15 -6.18
C THR A 180 0.76 12.70 -6.40
N ASN A 181 1.25 11.76 -5.58
CA ASN A 181 0.71 10.42 -5.49
C ASN A 181 -0.23 10.41 -4.27
N TRP A 182 -1.52 10.62 -4.49
CA TRP A 182 -2.41 10.76 -3.34
C TRP A 182 -3.66 9.90 -3.48
N THR A 183 -4.36 9.72 -2.37
CA THR A 183 -5.54 8.87 -2.32
C THR A 183 -6.45 9.35 -1.20
N THR A 184 -7.76 9.09 -1.36
CA THR A 184 -8.61 9.08 -0.18
C THR A 184 -8.57 7.71 0.48
N PRO A 185 -8.85 7.61 1.78
CA PRO A 185 -8.83 6.28 2.40
C PRO A 185 -9.89 5.36 1.85
N ASP A 186 -11.06 5.92 1.52
CA ASP A 186 -12.16 5.18 0.91
C ASP A 186 -11.73 4.47 -0.36
N ALA A 187 -11.06 5.20 -1.25
CA ALA A 187 -10.67 4.63 -2.53
C ALA A 187 -9.80 3.38 -2.32
N THR A 188 -8.81 3.48 -1.42
CA THR A 188 -7.91 2.34 -1.18
C THR A 188 -8.71 1.11 -0.77
N VAL A 189 -9.60 1.28 0.19
CA VAL A 189 -10.34 0.17 0.76
C VAL A 189 -11.32 -0.43 -0.25
N GLN A 190 -11.88 0.41 -1.13
CA GLN A 190 -12.65 -0.10 -2.26
C GLN A 190 -11.78 -0.93 -3.19
N LEU A 191 -10.58 -0.44 -3.50
CA LEU A 191 -9.71 -1.17 -4.40
C LEU A 191 -9.23 -2.48 -3.76
N LEU A 192 -8.87 -2.46 -2.47
CA LEU A 192 -8.48 -3.69 -1.79
C LEU A 192 -9.61 -4.72 -1.82
N LYS A 193 -10.86 -4.29 -1.64
CA LYS A 193 -11.97 -5.24 -1.64
C LYS A 193 -12.20 -5.84 -3.02
N LYS A 194 -12.17 -5.03 -4.08
CA LYS A 194 -12.28 -5.55 -5.44
C LYS A 194 -11.20 -6.59 -5.70
N PHE A 195 -9.95 -6.27 -5.33
CA PHE A 195 -8.86 -7.23 -5.42
C PHE A 195 -9.16 -8.48 -4.62
N TYR A 196 -9.52 -8.33 -3.35
CA TYR A 196 -9.56 -9.48 -2.46
C TYR A 196 -10.67 -10.46 -2.85
N LYS A 197 -11.81 -9.95 -3.31
CA LYS A 197 -12.89 -10.77 -3.82
C LYS A 197 -12.60 -11.33 -5.22
N ASN A 198 -11.37 -11.16 -5.70
CA ASN A 198 -10.94 -11.67 -7.00
C ASN A 198 -11.87 -11.22 -8.13
N GLU A 199 -12.25 -9.94 -8.09
CA GLU A 199 -12.95 -9.31 -9.21
C GLU A 199 -12.01 -8.65 -10.21
N ILE A 200 -10.69 -8.71 -10.01
CA ILE A 200 -9.73 -7.97 -10.83
C ILE A 200 -8.87 -8.89 -11.67
N LEU A 201 -8.33 -9.94 -11.06
CA LEU A 201 -7.22 -10.66 -11.65
C LEU A 201 -7.62 -12.09 -11.98
N SER A 202 -6.78 -12.76 -12.76
CA SER A 202 -6.91 -14.20 -12.85
C SER A 202 -6.62 -14.84 -11.50
N LYS A 203 -7.07 -16.08 -11.35
CA LYS A 203 -6.88 -16.79 -10.08
C LYS A 203 -5.39 -16.91 -9.73
N ASN A 204 -4.56 -17.22 -10.73
CA ASN A 204 -3.14 -17.41 -10.44
C ASN A 204 -2.45 -16.09 -10.10
N SER A 205 -2.78 -15.02 -10.82
CA SER A 205 -2.24 -13.70 -10.48
C SER A 205 -2.69 -13.29 -9.08
N TYR A 206 -3.98 -13.47 -8.79
CA TYR A 206 -4.52 -13.16 -7.47
C TYR A 206 -3.79 -13.93 -6.38
N ASP A 207 -3.62 -15.24 -6.55
CA ASP A 207 -2.94 -16.04 -5.53
C ASP A 207 -1.52 -15.54 -5.32
N TYR A 208 -0.82 -15.17 -6.41
CA TYR A 208 0.56 -14.71 -6.28
C TYR A 208 0.63 -13.38 -5.54
N LEU A 209 -0.13 -12.37 -6.00
CA LEU A 209 -0.06 -11.08 -5.35
C LEU A 209 -0.45 -11.18 -3.87
N LEU A 210 -1.51 -11.93 -3.57
CA LEU A 210 -1.94 -12.10 -2.18
C LEU A 210 -0.83 -12.70 -1.34
N ASN A 211 -0.20 -13.77 -1.83
CA ASN A 211 0.89 -14.39 -1.08
C ASN A 211 2.03 -13.42 -0.82
N THR A 212 2.41 -12.61 -1.81
CA THR A 212 3.49 -11.65 -1.55
C THR A 212 3.07 -10.58 -0.56
N MET A 213 1.78 -10.33 -0.40
CA MET A 213 1.33 -9.32 0.57
C MET A 213 1.27 -9.90 1.98
N ILE A 214 1.03 -11.21 2.09
CA ILE A 214 1.10 -11.89 3.38
C ILE A 214 2.56 -12.11 3.78
N GLU A 215 3.39 -12.53 2.84
CA GLU A 215 4.77 -12.93 3.10
C GLU A 215 5.69 -11.71 3.02
N THR A 216 5.36 -10.72 3.83
CA THR A 216 6.19 -9.54 3.95
C THR A 216 6.58 -9.37 5.40
N THR A 217 7.75 -8.78 5.57
CA THR A 217 8.35 -8.53 6.85
C THR A 217 8.14 -7.09 7.31
N THR A 218 7.69 -6.21 6.43
CA THR A 218 7.52 -4.79 6.72
C THR A 218 6.38 -4.53 7.70
N GLY A 219 6.41 -3.33 8.28
CA GLY A 219 5.43 -2.85 9.23
C GLY A 219 4.89 -3.80 10.29
N PRO A 220 5.77 -4.50 11.03
CA PRO A 220 5.25 -5.38 12.10
C PRO A 220 4.55 -4.62 13.21
N LYS A 221 4.84 -3.32 13.36
CA LYS A 221 4.23 -2.50 14.40
C LYS A 221 3.11 -1.60 13.86
N ARG A 222 2.64 -1.83 12.63
CA ARG A 222 1.55 -1.02 12.08
C ARG A 222 0.21 -1.76 12.20
N LEU A 223 -0.43 -2.15 11.09
CA LEU A 223 -1.72 -2.81 11.18
C LEU A 223 -1.67 -4.03 12.11
N LYS A 224 -0.60 -4.82 12.02
CA LYS A 224 -0.39 -6.04 12.80
C LYS A 224 0.07 -5.79 14.23
N GLY A 225 0.52 -4.58 14.56
CA GLY A 225 1.16 -4.30 15.83
C GLY A 225 0.52 -4.91 17.06
N LEU A 226 -0.79 -4.73 17.23
CA LEU A 226 -1.48 -5.20 18.42
C LEU A 226 -2.42 -6.38 18.16
N LEU A 227 -2.34 -6.99 17.00
CA LEU A 227 -3.26 -8.09 16.73
C LEU A 227 -2.75 -9.36 17.39
N PRO A 228 -3.61 -10.35 17.60
CA PRO A 228 -3.14 -11.63 18.13
C PRO A 228 -2.08 -12.27 17.24
N ASP A 229 -1.18 -13.01 17.86
CA ASP A 229 -0.14 -13.72 17.13
C ASP A 229 -0.77 -14.65 16.09
N GLY A 230 -0.23 -14.63 14.88
CA GLY A 230 -0.70 -15.51 13.84
C GLY A 230 -1.89 -15.03 13.04
N THR A 231 -2.48 -13.88 13.37
CA THR A 231 -3.51 -13.29 12.52
C THR A 231 -2.92 -13.05 11.13
N VAL A 232 -3.56 -13.58 10.09
CA VAL A 232 -3.00 -13.37 8.76
C VAL A 232 -3.45 -11.99 8.27
N VAL A 233 -2.49 -11.26 7.72
CA VAL A 233 -2.67 -9.87 7.30
C VAL A 233 -1.91 -9.75 6.00
N ALA A 234 -2.62 -9.54 4.90
CA ALA A 234 -2.01 -9.20 3.62
C ALA A 234 -1.98 -7.68 3.50
N HIS A 235 -0.79 -7.10 3.33
CA HIS A 235 -0.72 -5.65 3.42
C HIS A 235 0.45 -5.09 2.62
N LYS A 236 0.43 -3.76 2.49
CA LYS A 236 1.52 -2.97 1.90
C LYS A 236 1.71 -1.71 2.73
N THR A 237 2.95 -1.44 3.12
CA THR A 237 3.27 -0.25 3.88
C THR A 237 3.70 0.89 2.95
N GLY A 238 3.70 2.10 3.51
CA GLY A 238 4.34 3.24 2.89
C GLY A 238 4.98 4.11 3.95
N SER A 239 6.14 4.71 3.65
CA SER A 239 6.82 5.58 4.61
C SER A 239 7.50 6.71 3.85
N SER A 240 7.83 7.78 4.58
CA SER A 240 8.46 8.95 3.99
C SER A 240 9.62 9.42 4.87
N ASP A 241 10.34 10.43 4.38
CA ASP A 241 11.34 11.09 5.19
C ASP A 241 10.67 12.07 6.17
N THR A 242 11.48 12.68 7.03
CA THR A 242 11.06 13.69 7.98
C THR A 242 11.83 14.96 7.66
N ASN A 243 11.13 16.04 7.34
CA ASN A 243 11.83 17.27 6.99
C ASN A 243 12.38 17.95 8.25
N ASP A 244 13.10 19.07 8.06
CA ASP A 244 13.79 19.66 9.20
C ASP A 244 12.90 20.55 10.06
N LYS A 245 11.59 20.60 9.78
CA LYS A 245 10.60 21.03 10.76
C LYS A 245 9.94 19.86 11.48
N GLY A 246 10.53 18.67 11.40
CA GLY A 246 10.04 17.52 12.12
C GLY A 246 8.78 16.89 11.55
N ILE A 247 8.39 17.25 10.33
CA ILE A 247 7.19 16.73 9.68
C ILE A 247 7.54 15.46 8.91
N THR A 248 6.98 14.34 9.33
CA THR A 248 7.01 13.11 8.56
C THR A 248 5.76 13.08 7.67
N ALA A 249 5.98 13.19 6.36
CA ALA A 249 4.88 13.38 5.41
C ALA A 249 3.88 12.21 5.42
N ALA A 250 4.37 10.96 5.54
CA ALA A 250 3.50 9.80 5.38
C ALA A 250 4.01 8.61 6.18
N THR A 251 3.11 7.98 6.93
CA THR A 251 3.36 6.69 7.58
C THR A 251 2.07 5.88 7.43
N ASN A 252 2.07 4.91 6.51
CA ASN A 252 0.84 4.26 6.06
C ASN A 252 0.95 2.75 6.16
N ASP A 253 -0.21 2.11 6.26
CA ASP A 253 -0.32 0.66 6.12
C ASP A 253 -1.72 0.35 5.63
N ILE A 254 -1.84 -0.50 4.60
CA ILE A 254 -3.12 -0.86 3.99
C ILE A 254 -3.14 -2.37 3.78
N GLY A 255 -4.31 -2.99 3.90
CA GLY A 255 -4.39 -4.41 3.63
C GLY A 255 -5.71 -5.03 4.02
N ILE A 256 -5.68 -6.36 4.07
CA ILE A 256 -6.83 -7.22 4.36
C ILE A 256 -6.48 -8.09 5.55
N ILE A 257 -7.35 -8.09 6.56
CA ILE A 257 -7.12 -8.79 7.81
C ILE A 257 -8.13 -9.91 7.98
N THR A 258 -7.69 -11.03 8.53
CA THR A 258 -8.55 -12.18 8.78
C THR A 258 -9.01 -12.19 10.23
N LEU A 259 -10.32 -12.14 10.41
CA LEU A 259 -10.96 -12.17 11.72
C LEU A 259 -10.97 -13.59 12.26
N PRO A 260 -11.13 -13.75 13.58
CA PRO A 260 -11.12 -15.10 14.17
C PRO A 260 -12.14 -16.04 13.57
N ASN A 261 -13.29 -15.53 13.13
CA ASN A 261 -14.30 -16.38 12.51
C ASN A 261 -14.01 -16.68 11.05
N GLY A 262 -12.84 -16.30 10.53
CA GLY A 262 -12.52 -16.58 9.16
C GLY A 262 -13.01 -15.56 8.15
N LYS A 263 -13.80 -14.57 8.57
CA LYS A 263 -14.15 -13.48 7.69
C LYS A 263 -12.99 -12.47 7.61
N HIS A 264 -13.14 -11.46 6.75
CA HIS A 264 -12.08 -10.50 6.47
C HIS A 264 -12.63 -9.07 6.42
N PHE A 265 -11.72 -8.10 6.61
CA PHE A 265 -12.01 -6.69 6.37
C PHE A 265 -10.78 -6.00 5.74
N ALA A 266 -11.05 -5.07 4.84
CA ALA A 266 -10.03 -4.19 4.28
C ALA A 266 -9.94 -2.92 5.12
N ILE A 267 -8.72 -2.48 5.40
CA ILE A 267 -8.48 -1.32 6.25
C ILE A 267 -7.28 -0.56 5.67
N ALA A 268 -7.33 0.76 5.75
CA ALA A 268 -6.25 1.64 5.31
C ALA A 268 -6.13 2.77 6.30
N VAL A 269 -4.92 3.00 6.82
CA VAL A 269 -4.64 4.09 7.74
C VAL A 269 -3.49 4.92 7.17
N TYR A 270 -3.71 6.23 7.04
CA TYR A 270 -2.72 7.16 6.51
C TYR A 270 -2.44 8.20 7.60
N VAL A 271 -1.26 8.13 8.21
CA VAL A 271 -0.82 9.14 9.18
C VAL A 271 0.06 10.12 8.42
N SER A 272 -0.48 11.27 8.08
CA SER A 272 0.21 12.18 7.19
C SER A 272 0.56 13.47 7.92
N ASP A 273 1.56 14.15 7.39
CA ASP A 273 2.05 15.44 7.90
C ASP A 273 2.03 15.47 9.43
N SER A 274 2.84 14.57 9.98
CA SER A 274 2.88 14.31 11.42
C SER A 274 4.10 14.96 12.05
N SER A 275 3.88 15.62 13.19
CA SER A 275 4.96 16.06 14.05
C SER A 275 5.35 15.01 15.07
N GLU A 276 4.57 13.94 15.19
CA GLU A 276 4.88 12.93 16.20
C GLU A 276 6.11 12.12 15.80
N LYS A 277 6.73 11.52 16.80
CA LYS A 277 7.84 10.61 16.56
C LYS A 277 7.36 9.36 15.84
N SER A 278 8.30 8.70 15.17
CA SER A 278 7.93 7.59 14.32
C SER A 278 7.27 6.45 15.11
N ASP A 279 7.68 6.23 16.36
CA ASP A 279 7.05 5.12 17.08
C ASP A 279 5.61 5.44 17.44
N VAL A 280 5.28 6.73 17.60
CA VAL A 280 3.90 7.14 17.81
C VAL A 280 3.09 6.98 16.52
N ASN A 281 3.67 7.36 15.37
CA ASN A 281 2.97 7.22 14.10
C ASN A 281 2.58 5.76 13.81
N GLU A 282 3.47 4.81 14.13
CA GLU A 282 3.12 3.41 13.92
C GLU A 282 2.10 2.95 14.95
N LYS A 283 2.26 3.38 16.21
CA LYS A 283 1.29 3.02 17.25
C LYS A 283 -0.11 3.52 16.90
N ILE A 284 -0.22 4.69 16.25
CA ILE A 284 -1.52 5.17 15.81
C ILE A 284 -2.19 4.16 14.88
N ILE A 285 -1.45 3.70 13.85
CA ILE A 285 -1.98 2.68 12.94
C ILE A 285 -2.39 1.45 13.73
N ALA A 286 -1.51 1.00 14.63
CA ALA A 286 -1.78 -0.22 15.38
C ALA A 286 -2.94 -0.07 16.34
N GLU A 287 -3.06 1.09 17.00
CA GLU A 287 -4.15 1.29 17.94
C GLU A 287 -5.49 1.34 17.22
N ILE A 288 -5.54 2.10 16.13
CA ILE A 288 -6.78 2.22 15.37
C ILE A 288 -7.19 0.84 14.83
N CYS A 289 -6.27 0.14 14.19
CA CYS A 289 -6.59 -1.19 13.70
C CYS A 289 -7.08 -2.09 14.83
N LYS A 290 -6.43 -2.01 16.00
CA LYS A 290 -6.84 -2.87 17.12
C LYS A 290 -8.26 -2.56 17.56
N SER A 291 -8.62 -1.28 17.64
CA SER A 291 -9.97 -0.99 18.09
C SER A 291 -11.01 -1.38 17.03
N VAL A 292 -10.65 -1.34 15.74
CA VAL A 292 -11.56 -1.87 14.72
C VAL A 292 -11.67 -3.38 14.85
N TRP A 293 -10.55 -4.06 15.05
CA TRP A 293 -10.54 -5.50 15.30
C TRP A 293 -11.47 -5.86 16.46
N ASP A 294 -11.31 -5.17 17.59
CA ASP A 294 -12.10 -5.47 18.78
C ASP A 294 -13.59 -5.33 18.52
N TYR A 295 -13.98 -4.27 17.81
CA TYR A 295 -15.38 -4.05 17.47
C TYR A 295 -15.95 -5.21 16.65
N LEU A 296 -15.26 -5.59 15.57
CA LEU A 296 -15.79 -6.62 14.68
C LEU A 296 -15.74 -8.01 15.32
N VAL A 297 -14.79 -8.23 16.23
CA VAL A 297 -14.75 -9.50 16.95
C VAL A 297 -15.93 -9.59 17.91
N LYS A 298 -16.26 -8.49 18.58
CA LYS A 298 -17.39 -8.43 19.51
C LYS A 298 -18.71 -8.38 18.73
N ASP B . -19.18 -8.44 15.66
CA ASP B . -20.51 -9.00 15.88
C ASP B . -21.04 -9.71 14.64
O ASP B . -20.30 -10.45 13.98
CB ASP B . -21.49 -7.91 16.31
CG ASP B . -22.67 -8.48 17.07
OD1 ASP B . -22.68 -9.69 17.32
OD2 ASP B . -23.59 -7.69 17.41
O2 J01 C . -16.78 -9.50 7.28
C5 J01 C . -17.07 -8.72 8.14
C4 J01 C . -17.25 -7.21 8.23
C3 J01 C . -17.35 -7.45 9.76
N1 J01 C . -17.41 -8.90 9.50
O1 J01 C . -18.60 -7.03 10.32
C1 J01 C . -19.09 -8.15 10.87
C2 J01 C . -18.67 -9.35 10.06
C8 J01 C . -18.55 -10.52 11.04
O5 J01 C . -17.48 -10.83 11.48
O4 J01 C . -19.57 -11.09 11.38
C6 J01 C . -19.86 -8.10 12.04
C7 J01 C . -19.86 -6.82 12.84
O3 J01 C . -20.19 -5.74 11.97
C ACT D . -19.54 -5.79 -3.41
O ACT D . -18.78 -6.67 -3.95
OXT ACT D . -19.66 -4.56 -3.71
CH3 ACT D . -20.46 -6.28 -2.22
C1 GOL E . 9.98 -1.88 6.96
O1 GOL E . 9.49 -1.96 8.28
C2 GOL E . 9.79 -0.39 6.48
O2 GOL E . 9.31 -0.29 5.16
C3 GOL E . 8.79 0.22 7.49
O3 GOL E . 7.75 -0.71 7.59
C ACT F . 11.63 9.83 15.49
O ACT F . 11.54 8.69 14.99
OXT ACT F . 12.31 10.17 16.50
CH3 ACT F . 10.82 10.97 14.73
C ACT G . 6.34 8.69 -15.59
O ACT G . 6.06 7.51 -15.95
OXT ACT G . 5.68 9.47 -14.80
CH3 ACT G . 7.68 9.27 -16.20
C ACT H . -10.64 9.91 -11.43
O ACT H . -9.89 8.92 -11.64
OXT ACT H . -10.91 10.47 -10.31
CH3 ACT H . -11.30 10.51 -12.73
C1 GOL I . -14.41 13.55 9.50
O1 GOL I . -14.54 12.40 10.32
C2 GOL I . -15.41 13.37 8.29
O2 GOL I . -14.82 13.74 7.05
C3 GOL I . -15.83 11.87 8.33
O3 GOL I . -14.97 11.16 7.46
C ACT J . -2.11 -13.03 21.39
O ACT J . -2.24 -14.28 21.36
OXT ACT J . -2.98 -12.13 21.66
CH3 ACT J . -0.69 -12.52 21.05
C ACT K . -9.18 -17.05 -14.35
O ACT K . -8.82 -18.09 -13.70
OXT ACT K . -10.05 -16.19 -14.01
CH3 ACT K . -8.46 -16.83 -15.74
C ACT L . -0.31 -15.06 -16.56
O ACT L . 0.84 -15.15 -15.98
OXT ACT L . -1.37 -14.53 -16.12
CH3 ACT L . -0.43 -15.72 -18.02
C ACT M . 5.60 -7.81 -24.58
O ACT M . 6.53 -8.60 -24.37
OXT ACT M . 5.60 -6.62 -24.23
CH3 ACT M . 4.37 -8.29 -25.33
S SO4 N . 8.15 2.84 1.04
O1 SO4 N . 7.66 1.53 1.46
O2 SO4 N . 8.50 2.80 -0.37
O3 SO4 N . 7.10 3.86 1.23
O4 SO4 N . 9.31 3.15 1.87
S SO4 O . 12.73 23.06 -3.01
O1 SO4 O . 14.17 22.72 -3.09
O2 SO4 O . 11.92 21.83 -3.16
O3 SO4 O . 12.41 24.01 -4.09
O4 SO4 O . 12.41 23.70 -1.73
S SO4 P . -1.32 -16.33 -27.18
O1 SO4 P . -0.47 -17.06 -26.22
O2 SO4 P . -2.22 -17.28 -27.82
O3 SO4 P . -2.09 -15.30 -26.47
O4 SO4 P . -0.44 -15.68 -28.17
S SO4 Q . 14.97 5.66 0.58
O1 SO4 Q . 16.14 4.84 0.95
O2 SO4 Q . 14.74 5.49 -0.85
O3 SO4 Q . 15.29 7.06 0.88
O4 SO4 Q . 13.77 5.25 1.31
CL CL R . 13.26 7.23 12.70
#